data_8GJV
#
_entry.id   8GJV
#
_cell.length_a   23.582
_cell.length_b   19.693
_cell.length_c   51.816
_cell.angle_alpha   90.00
_cell.angle_beta   96.61
_cell.angle_gamma   90.00
#
_symmetry.space_group_name_H-M   'P 1 21 1'
#
loop_
_entity.id
_entity.type
_entity.pdbx_description
1 polymer 'Intermediate compound 10 for maxamycins synthesis'
2 non-polymer METHANOL
3 water water
#
_entity_poly.entity_id   1
_entity_poly.type   'polypeptide(L)'
_entity_poly.pdbx_seq_one_letter_code
;(BOC)(MLU)(ZTG)(ZTK)(ZT9)(ZSX)(ZT6)(ZRJ)
;
_entity_poly.pdbx_strand_id   A,B,C,D
#
loop_
_chem_comp.id
_chem_comp.type
_chem_comp.name
_chem_comp.formula
BOC non-polymer 'TERT-BUTYL HYDROGEN CARBONATE' 'C5 H10 O3'
MOH non-polymer METHANOL 'C H4 O'
#
# COMPACT_ATOMS: atom_id res chain seq x y z
O1 BOC A 1 8.57 -0.05 8.67
C BOC A 1 8.10 -0.34 9.73
O2 BOC A 1 8.74 -0.35 10.91
CT BOC A 1 10.13 0.13 11.01
C1 BOC A 1 10.19 1.57 10.63
C2 BOC A 1 11.05 -0.79 10.21
C3 BOC A 1 10.44 0.00 12.50
H11 BOC A 1 10.12 1.68 9.56
H12 BOC A 1 11.13 1.98 10.97
H13 BOC A 1 9.38 2.11 11.09
H21 BOC A 1 10.76 -1.82 10.35
H22 BOC A 1 12.07 -0.66 10.57
H23 BOC A 1 11.01 -0.53 9.16
H31 BOC A 1 9.75 0.61 13.07
H32 BOC A 1 11.46 0.34 12.68
H33 BOC A 1 10.35 -1.03 12.80
N MLU A 2 6.79 -0.70 9.89
CN MLU A 2 6.28 -1.24 11.17
CA MLU A 2 5.90 -0.70 8.71
C MLU A 2 5.83 -2.09 8.12
O MLU A 2 4.89 -2.85 8.33
CB MLU A 2 4.54 -0.16 9.00
CG MLU A 2 4.47 1.23 9.56
CD1 MLU A 2 5.10 2.26 8.64
CD2 MLU A 2 2.97 1.61 9.77
HCN1 MLU A 2 5.49 -1.96 10.97
HCN2 MLU A 2 5.87 -0.43 11.78
HCN3 MLU A 2 7.06 -1.75 11.72
HA MLU A 2 6.33 -0.05 7.96
HB2 MLU A 2 4.03 -0.83 9.70
HB3 MLU A 2 3.98 -0.18 8.08
HG MLU A 2 4.97 1.27 10.51
HD11 MLU A 2 6.19 2.18 8.70
HD12 MLU A 2 4.82 3.26 8.95
HD13 MLU A 2 4.78 2.09 7.62
HD21 MLU A 2 2.59 1.06 10.63
HD22 MLU A 2 2.40 1.35 8.88
HD23 MLU A 2 2.88 2.68 9.96
N ZTG A 3 6.88 -2.45 7.36
CA ZTG A 3 6.99 -3.78 6.82
C ZTG A 3 6.49 -3.93 5.39
O ZTG A 3 6.43 -5.06 4.89
CB ZTG A 3 8.41 -4.36 6.99
CG ZTG A 3 9.42 -3.60 6.14
CD1 ZTG A 3 9.75 -4.07 4.89
CD2 ZTG A 3 9.92 -2.39 6.60
CE1 ZTG A 3 10.55 -3.27 4.07
CE2 ZTG A 3 10.71 -1.57 5.74
CZ ZTG A 3 10.98 -2.04 4.46
OH ZTG A 3 11.68 -1.21 3.61
OC ZTG A 3 8.75 -4.33 8.34
C1 ZTG A 3 9.73 -4.85 10.90
C2 ZTG A 3 9.95 -5.89 11.99
C3 ZTG A 3 8.81 -3.81 11.39
C4 ZTG A 3 7.80 -6.82 9.42
C5 ZTG A 3 8.10 -8.31 9.56
C5 ZTG A 3 7.62 -7.61 8.15
C6 ZTG A 3 6.56 -6.22 10.04
C7 ZTG A 3 10.74 -6.39 8.41
C8 ZTG A 3 10.32 -7.25 7.24
C8 ZTG A 3 11.27 -7.73 8.88
C9 ZTG A 3 11.91 -5.42 8.29
CL ZTG A 3 11.02 -3.87 2.50
SI ZTG A 3 9.22 -5.64 9.24
H ZTG A 3 7.58 -1.76 7.12
HA ZTG A 3 6.35 -4.43 7.42
HB2 ZTG A 3 8.39 -5.37 6.64
HD1 ZTG A 3 9.39 -5.03 4.56
HD2 ZTG A 3 9.58 -1.99 7.54
HE2 ZTG A 3 11.01 -0.59 6.04
H11 ZTG A 3 10.67 -4.37 10.72
H22 ZTG A 3 9.00 -6.24 12.37
H23 ZTG A 3 10.51 -5.43 12.81
H21 ZTG A 3 10.52 -6.73 11.60
H33 ZTG A 3 7.84 -4.24 11.61
H31 ZTG A 3 8.69 -3.04 10.64
H32 ZTG A 3 9.22 -3.37 12.30
H41 ZTG A 3 8.21 -7.10 10.37
H51 ZTG A 3 9.15 -8.50 9.34
H51 ZTG A 3 7.38 -6.95 7.32
H52 ZTG A 3 7.49 -8.86 8.86
H52 ZTG A 3 6.81 -8.31 8.28
H53 ZTG A 3 7.88 -8.64 10.56
H53 ZTG A 3 8.54 -8.15 7.92
H61 ZTG A 3 6.40 -5.22 9.66
H62 ZTG A 3 6.68 -6.19 11.12
H63 ZTG A 3 5.70 -6.84 9.80
H71 ZTG A 3 10.69 -5.95 7.43
H82 ZTG A 3 11.12 -7.95 7.03
H82 ZTG A 3 11.91 -7.57 9.72
H83 ZTG A 3 10.13 -6.66 6.35
H83 ZTG A 3 11.84 -8.18 8.07
H81 ZTG A 3 9.42 -7.81 7.50
H81 ZTG A 3 10.43 -8.37 9.13
H93 ZTG A 3 12.39 -5.30 9.26
H91 ZTG A 3 11.56 -4.44 7.95
H92 ZTG A 3 12.63 -5.80 7.58
N ZTK A 4 6.19 -2.82 4.69
CA ZTK A 4 5.59 -2.90 3.37
C ZTK A 4 6.41 -2.28 2.24
O ZTK A 4 6.71 -2.91 1.25
CB ZTK A 4 4.18 -2.30 3.36
CG ZTK A 4 3.27 -3.02 4.23
ND2 ZTK A 4 2.56 -3.56 4.96
H ZTK A 4 6.39 -1.91 5.08
HA ZTK A 4 5.48 -3.86 3.15
HB2 ZTK A 4 3.82 -2.32 2.44
HB3 ZTK A 4 4.23 -1.36 3.65
N ZT9 A 5 6.72 -0.94 2.37
CA ZT9 A 5 7.38 -0.23 1.28
C ZT9 A 5 6.77 1.15 1.03
C1 ZT9 A 5 8.88 -0.06 1.50
C2 ZT9 A 5 9.60 0.81 0.64
C3 ZT9 A 5 10.94 1.00 0.85
C4 ZT9 A 5 11.63 0.31 1.85
C5 ZT9 A 5 10.93 -0.57 2.63
C6 ZT9 A 5 9.54 -0.74 2.51
O4 ZT9 A 5 12.98 0.53 2.04
S ZT9 A 5 6.57 2.22 2.26
C7 ZT9 A 5 13.18 1.53 3.25
C7 ZT9 A 5 13.67 -0.52 1.09
H ZT9 A 5 6.48 -0.45 3.21
HA ZT9 A 5 7.26 -0.82 0.37
H21 ZT9 A 5 9.08 1.36 -0.13
H61 ZT9 A 5 9.00 -1.42 3.14
H73 ZT9 A 5 13.72 2.37 2.88
H73 ZT9 A 5 13.34 -1.49 1.33
H71 ZT9 A 5 13.77 1.00 3.96
H71 ZT9 A 5 14.73 -0.47 1.23
H72 ZT9 A 5 12.20 1.83 3.52
H72 ZT9 A 5 13.44 -0.30 0.08
N ZSX A 6 6.52 1.39 -0.26
CA ZSX A 6 6.36 2.74 -0.79
C ZSX A 6 7.03 2.75 -2.17
O ZSX A 6 7.26 1.68 -2.72
C1 ZSX A 6 4.92 3.19 -1.02
C2 ZSX A 6 4.50 4.42 -0.48
C3 ZSX A 6 3.30 5.00 -0.91
C4 ZSX A 6 2.52 4.33 -1.87
C5 ZSX A 6 2.88 3.07 -2.33
C6 ZSX A 6 4.09 2.52 -1.90
C7 ZSX A 6 0.63 4.39 -3.33
O4 ZSX A 6 1.40 5.00 -2.27
H ZSX A 6 6.44 0.61 -0.91
HA ZSX A 6 6.88 3.46 -0.14
H21 ZSX A 6 5.17 4.99 0.14
H51 ZSX A 6 2.29 2.54 -3.07
H61 ZSX A 6 4.44 1.61 -2.36
H72 ZSX A 6 -0.18 5.03 -3.56
H73 ZSX A 6 0.25 3.46 -3.02
H71 ZSX A 6 1.23 4.27 -4.19
C2 ZT6 A 7 8.38 9.58 -2.38
C4 ZT6 A 7 11.32 7.70 -4.17
C5 ZT6 A 7 11.89 9.23 -4.45
C9 ZT6 A 7 7.82 7.08 -6.49
C8 ZT6 A 7 10.12 8.18 -7.00
C1 ZT6 A 7 8.50 9.10 -3.71
N ZT6 A 7 7.27 3.91 -2.78
CA ZT6 A 7 7.16 5.25 -2.19
C ZT6 A 7 5.97 5.98 -2.83
O ZT6 A 7 5.53 5.65 -3.92
CB ZT6 A 7 8.54 5.98 -2.26
CG ZT6 A 7 9.52 4.99 -1.66
CD1 ZT6 A 7 9.61 4.91 -0.26
CD2 ZT6 A 7 10.20 4.09 -2.44
CE1 ZT6 A 7 10.34 3.89 0.31
CE2 ZT6 A 7 10.93 3.06 -1.87
CZ ZT6 A 7 10.99 2.95 -0.47
C3 ZT6 A 7 8.31 10.22 -4.71
C7 ZT6 A 7 9.28 7.23 -6.09
OH ZT6 A 7 11.69 1.90 0.10
ODE ZT6 A 7 8.83 6.26 -3.60
CL ZT6 A 7 10.43 3.87 2.04
SI ZT6 A 7 9.43 7.65 -4.28
C6 ZT6 A 7 11.93 7.32 -2.93
H21 ZT6 A 7 9.25 9.18 -1.79
H22 ZT6 A 7 7.43 9.22 -1.92
H23 ZT6 A 7 8.42 10.69 -2.37
H41 ZT6 A 7 11.72 7.05 -4.95
H53 ZT6 A 7 11.16 9.98 -4.06
H51 ZT6 A 7 12.04 9.39 -5.53
H52 ZT6 A 7 12.82 9.37 -3.95
H92 ZT6 A 7 7.46 6.14 -6.14
H93 ZT6 A 7 7.74 7.12 -7.59
H91 ZT6 A 7 7.22 7.88 -6.05
H83 ZT6 A 7 11.18 7.84 -7.02
H81 ZT6 A 7 10.07 9.24 -6.61
H82 ZT6 A 7 9.71 8.16 -8.02
H11 ZT6 A 7 7.50 8.66 -3.78
H ZT6 A 7 7.57 3.86 -3.73
HA ZT6 A 7 6.94 5.16 -1.16
HB2 ZT6 A 7 8.50 6.89 -1.66
HD1 ZT6 A 7 9.06 5.61 0.38
HD2 ZT6 A 7 10.07 4.09 -3.52
HE2 ZT6 A 7 11.41 2.33 -2.49
H32 ZT6 A 7 9.21 10.85 -4.73
H33 ZT6 A 7 7.45 10.83 -4.43
H31 ZT6 A 7 8.14 9.82 -5.70
H71 ZT6 A 7 9.72 6.24 -6.20
H61 ZT6 A 7 11.49 7.85 -2.15
H62 ZT6 A 7 13.01 7.54 -2.96
H63 ZT6 A 7 11.79 6.25 -2.78
C2 ZRJ A 8 0.82 10.23 1.96
OD2 ZRJ A 8 1.74 10.11 0.90
CD2 ZRJ A 8 2.11 8.85 0.50
CZ ZRJ A 8 1.77 7.71 1.20
CD1 ZRJ A 8 2.17 6.46 0.72
OD1 ZRJ A 8 1.86 5.29 1.36
C1 ZRJ A 8 1.08 5.31 2.55
CG1 ZRJ A 8 2.90 6.37 -0.45
CB ZRJ A 8 3.26 7.53 -1.12
CG2 ZRJ A 8 2.87 8.77 -0.63
CA ZRJ A 8 4.07 7.41 -2.39
N ZRJ A 8 5.43 6.94 -2.09
C ZRJ A 8 4.09 8.69 -3.20
O ZRJ A 8 4.81 9.60 -2.96
OXT ZRJ A 8 3.16 8.65 -4.16
C11 ZRJ A 8 2.93 9.78 -5.08
C12 ZRJ A 8 4.23 10.11 -5.79
C13 ZRJ A 8 1.86 9.26 -6.04
C14 ZRJ A 8 2.31 10.90 -4.31
H25 ZRJ A 8 1.22 9.88 2.78
H23 ZRJ A 8 0.02 9.72 1.76
H24 ZRJ A 8 0.59 11.16 2.08
HZ1 ZRJ A 8 1.25 7.78 2.00
H12 ZRJ A 8 0.94 4.41 2.87
H13 ZRJ A 8 0.23 5.73 2.37
H11 ZRJ A 8 1.55 5.83 3.24
HG21 ZRJ A 8 3.08 9.56 -1.10
HA ZRJ A 8 3.63 6.74 -2.94
H ZRJ A 8 5.94 7.36 -1.34
H16 ZRJ A 8 4.04 10.47 -6.67
H14 ZRJ A 8 4.76 9.30 -5.89
H15 ZRJ A 8 4.73 10.76 -5.27
H19 ZRJ A 8 2.21 8.50 -6.54
H17 ZRJ A 8 1.60 9.96 -6.65
H18 ZRJ A 8 1.08 8.98 -5.53
H22 ZRJ A 8 1.60 10.54 -3.74
H20 ZRJ A 8 1.93 11.54 -4.93
H21 ZRJ A 8 2.98 11.33 -3.75
O1 BOC B 1 13.21 0.02 -11.27
C BOC B 1 13.24 0.23 -12.39
O2 BOC B 1 14.35 0.23 -13.11
CT BOC B 1 15.67 -0.12 -12.70
C1 BOC B 1 15.49 -1.52 -12.47
C2 BOC B 1 16.15 0.71 -11.51
C3 BOC B 1 16.64 0.03 -13.85
H11 BOC B 1 15.02 -1.70 -11.51
H12 BOC B 1 16.47 -1.99 -12.46
H13 BOC B 1 14.89 -1.96 -13.27
H21 BOC B 1 16.37 1.72 -11.84
H22 BOC B 1 17.06 0.26 -11.12
H23 BOC B 1 15.40 0.74 -10.73
H31 BOC B 1 16.43 -0.74 -14.59
H32 BOC B 1 17.65 -0.10 -13.47
H33 BOC B 1 16.54 1.00 -14.30
N MLU B 2 12.09 0.58 -13.07
CN MLU B 2 12.30 1.04 -14.47
CA MLU B 2 10.77 0.71 -12.40
C MLU B 2 10.57 2.15 -11.98
O MLU B 2 9.83 2.90 -12.58
CB MLU B 2 9.62 0.25 -13.28
CG MLU B 2 9.74 -1.18 -13.78
CD1 MLU B 2 9.92 -2.13 -12.61
CD2 MLU B 2 8.50 -1.47 -14.61
HCN1 MLU B 2 11.81 0.36 -15.16
HCN2 MLU B 2 13.35 1.09 -14.71
HCN3 MLU B 2 11.88 2.04 -14.59
HA MLU B 2 10.76 0.11 -11.50
HB2 MLU B 2 9.56 0.90 -14.15
HB3 MLU B 2 8.70 0.33 -12.72
HG MLU B 2 10.61 -1.28 -14.42
HD11 MLU B 2 10.97 -2.15 -12.32
HD12 MLU B 2 9.63 -3.13 -12.92
HD13 MLU B 2 9.32 -1.80 -11.78
HD21 MLU B 2 8.54 -0.87 -15.52
HD22 MLU B 2 7.62 -1.20 -14.04
HD23 MLU B 2 8.47 -2.51 -14.87
N ZTG B 3 11.20 2.54 -10.88
CA ZTG B 3 11.19 3.91 -10.46
C ZTG B 3 10.22 4.25 -9.30
O ZTG B 3 10.11 5.42 -8.92
CB ZTG B 3 12.63 4.38 -10.03
CG ZTG B 3 13.10 3.67 -8.80
CD1 ZTG B 3 12.85 4.28 -7.55
CD2 ZTG B 3 13.66 2.41 -8.88
CE1 ZTG B 3 13.12 3.53 -6.40
CE2 ZTG B 3 13.89 1.70 -7.74
CZ ZTG B 3 13.58 2.24 -6.51
OH ZTG B 3 13.76 1.49 -5.37
OC ZTG B 3 13.50 4.13 -11.13
C1 ZTG B 3 15.42 4.24 -13.12
C2 ZTG B 3 16.28 5.03 -14.09
C3 ZTG B 3 14.62 3.42 -14.02
C4 ZTG B 3 13.11 6.26 -12.89
C5 ZTG B 3 13.69 7.38 -13.68
C6 ZTG B 3 12.28 5.41 -13.87
C7 ZTG B 3 15.43 6.23 -10.81
C8 ZTG B 3 16.41 7.18 -11.33
C9 ZTG B 3 16.23 5.40 -9.86
CL ZTG B 3 12.82 4.22 -4.83
SI ZTG B 3 14.35 5.23 -11.99
H ZTG B 3 11.67 1.86 -10.31
HA ZTG B 3 10.90 4.54 -11.29
HB2 ZTG B 3 12.61 5.44 -9.83
HD1 ZTG B 3 12.40 5.26 -7.49
HD2 ZTG B 3 13.77 1.92 -9.85
HE2 ZTG B 3 14.25 0.68 -7.80
H11 ZTG B 3 16.07 3.61 -12.53
H22 ZTG B 3 16.27 4.57 -15.08
H23 ZTG B 3 17.30 5.02 -13.72
H21 ZTG B 3 15.93 6.05 -14.15
H33 ZTG B 3 14.29 3.98 -14.88
H31 ZTG B 3 13.75 3.03 -13.47
H32 ZTG B 3 15.22 2.58 -14.35
H41 ZTG B 3 12.43 6.68 -12.16
H51 ZTG B 3 14.55 7.79 -13.17
H52 ZTG B 3 12.94 8.16 -13.78
H53 ZTG B 3 13.97 7.04 -14.67
H61 ZTG B 3 12.08 4.43 -13.45
H62 ZTG B 3 12.78 5.32 -14.83
H63 ZTG B 3 11.33 5.91 -14.04
H71 ZTG B 3 14.74 6.80 -10.21
H82 ZTG B 3 16.97 7.62 -10.52
H83 ZTG B 3 15.90 7.99 -11.86
H81 ZTG B 3 17.09 6.67 -12.01
H93 ZTG B 3 17.00 5.98 -9.38
H91 ZTG B 3 16.68 4.56 -10.39
H92 ZTG B 3 15.57 5.00 -9.10
N ZTK B 4 9.51 3.25 -8.77
CA ZTK B 4 8.45 3.50 -7.80
C ZTK B 4 8.61 2.78 -6.47
O ZTK B 4 8.47 3.42 -5.43
CB ZTK B 4 7.06 3.24 -8.39
CG ZTK B 4 6.79 4.13 -9.51
ND2 ZTK B 4 6.65 4.78 -10.42
H ZTK B 4 9.70 2.30 -9.04
HA ZTK B 4 8.48 4.47 -7.59
HB2 ZTK B 4 6.37 3.37 -7.69
HB3 ZTK B 4 7.00 2.30 -8.71
N ZT9 B 5 8.78 1.44 -6.49
CA ZT9 B 5 8.83 0.72 -5.24
C ZT9 B 5 8.10 -0.63 -5.32
C1 ZT9 B 5 10.26 0.46 -4.76
C2 ZT9 B 5 10.47 -0.37 -3.68
C3 ZT9 B 5 11.76 -0.61 -3.23
C4 ZT9 B 5 12.85 0.05 -3.78
C5 ZT9 B 5 12.63 0.89 -4.84
C6 ZT9 B 5 11.36 1.07 -5.35
O4 ZT9 B 5 14.12 -0.15 -3.27
S ZT9 B 5 8.37 -1.70 -6.54
C7 ZT9 B 5 14.33 0.84 -2.14
C7 ZT9 B 5 14.76 -1.09 -4.20
H ZT9 B 5 8.88 0.94 -7.37
HA ZT9 B 5 8.34 1.32 -4.47
H21 ZT9 B 5 9.64 -0.88 -3.20
H61 ZT9 B 5 11.19 1.76 -6.17
H73 ZT9 B 5 13.71 1.68 -2.25
H73 ZT9 B 5 14.04 -1.87 -4.37
H71 ZT9 B 5 15.35 1.15 -2.14
H71 ZT9 B 5 15.61 -1.47 -3.68
H72 ZT9 B 5 14.11 0.36 -1.21
H72 ZT9 B 5 15.05 -0.50 -5.03
N ZSX B 6 7.34 -0.86 -4.26
CA ZSX B 6 6.87 -2.20 -3.89
C ZSX B 6 6.81 -2.18 -2.35
O ZSX B 6 6.73 -1.10 -1.75
C1 ZSX B 6 5.48 -2.57 -4.40
C2 ZSX B 6 5.29 -3.82 -5.00
C3 ZSX B 6 4.01 -4.29 -5.27
C4 ZSX B 6 2.92 -3.51 -4.95
C5 ZSX B 6 3.10 -2.21 -4.43
C6 ZSX B 6 4.39 -1.79 -4.14
C7 ZSX B 6 0.54 -3.24 -5.00
O4 ZSX B 6 1.68 -4.05 -5.22
H ZSX B 6 7.06 -0.08 -3.68
HA ZSX B 6 7.61 -2.94 -4.20
H21 ZSX B 6 6.12 -4.49 -5.15
H51 ZSX B 6 2.27 -1.59 -4.16
H61 ZSX B 6 4.53 -0.84 -3.63
H72 ZSX B 6 0.46 -3.00 -3.97
H73 ZSX B 6 -0.33 -3.77 -5.29
H71 ZSX B 6 0.60 -2.36 -5.57
C2 ZT6 B 7 5.09 -8.79 1.39
C2 ZT6 B 7 7.04 -7.61 3.43
C4 ZT6 B 7 8.11 -8.68 -0.55
C4 ZT6 B 7 6.87 -8.49 -0.41
C5 ZT6 B 7 8.45 -9.90 0.29
C5 ZT6 B 7 6.38 -9.72 0.43
C9 ZT6 B 7 9.88 -6.91 1.80
C9 ZT6 B 7 10.70 -7.19 0.00
C8 ZT6 B 7 8.03 -7.87 3.33
C8 ZT6 B 7 9.91 -8.99 1.54
C1 ZT6 B 7 5.62 -7.48 0.81
C1 ZT6 B 7 7.03 -6.67 2.22
N ZT6 B 7 6.75 -3.35 -1.68
CA ZT6 B 7 6.87 -4.68 -2.25
C ZT6 B 7 5.50 -5.33 -2.18
O ZT6 B 7 4.63 -4.96 -1.39
CB ZT6 B 7 8.02 -5.48 -1.56
CG ZT6 B 7 9.23 -4.55 -1.67
CD1 ZT6 B 7 9.93 -4.47 -2.87
CD2 ZT6 B 7 9.54 -3.68 -0.63
CE1 ZT6 B 7 10.90 -3.48 -3.05
CE2 ZT6 B 7 10.48 -2.67 -0.82
CZ ZT6 B 7 11.12 -2.56 -2.03
C3 ZT6 B 7 5.24 -6.36 1.79
C3 ZT6 B 7 7.87 -5.44 2.60
C7 ZT6 B 7 8.38 -6.90 2.14
C7 ZT6 B 7 9.57 -7.56 0.98
OH ZT6 B 7 12.04 -1.51 -2.20
ODE ZT6 B 7 7.68 -5.76 -0.24
CL ZT6 B 7 11.77 -3.49 -4.52
SI ZT6 B 7 7.66 -7.22 0.55
C6 ZT6 B 7 7.36 -9.06 -1.73
C6 ZT6 B 7 5.50 -7.86 -0.23
H21 ZT6 B 7 5.92 -9.55 1.42
H21 ZT6 B 7 7.24 -8.66 3.08
H22 ZT6 B 7 4.29 -9.17 0.74
H22 ZT6 B 7 6.05 -7.58 3.93
H23 ZT6 B 7 4.70 -8.63 2.41
H23 ZT6 B 7 7.84 -7.30 4.14
H41 ZT6 B 7 9.06 -8.38 -0.96
H41 ZT6 B 7 7.15 -8.63 -1.45
H53 ZT6 B 7 8.27 -9.69 1.38
H53 ZT6 B 7 5.76 -9.36 1.29
H51 ZT6 B 7 9.54 -10.12 0.14
H51 ZT6 B 7 7.27 -10.27 0.82
H52 ZT6 B 7 7.85 -10.71 -0.01
H52 ZT6 B 7 5.80 -10.35 -0.19
H92 ZT6 B 7 10.18 -7.89 1.48
H92 ZT6 B 7 11.43 -7.97 0.00
H93 ZT6 B 7 10.43 -6.64 2.72
H93 ZT6 B 7 11.17 -6.24 0.31
H91 ZT6 B 7 10.11 -6.19 1.03
H91 ZT6 B 7 10.29 -7.10 -1.00
H83 ZT6 B 7 8.88 -8.55 3.52
H83 ZT6 B 7 10.69 -9.45 0.93
H81 ZT6 B 7 7.12 -8.48 3.08
H81 ZT6 B 7 8.98 -9.63 1.51
H82 ZT6 B 7 7.82 -7.27 4.24
H82 ZT6 B 7 10.25 -8.89 2.59
H11 ZT6 B 7 5.13 -7.29 -0.13
H11 ZT6 B 7 6.00 -6.34 2.08
H ZT6 B 7 6.62 -3.29 -0.68
HA ZT6 B 7 7.13 -4.61 -3.28
HB2 ZT6 B 7 8.22 -6.40 -2.12
HD1 ZT6 B 7 9.71 -5.16 -3.69
HD2 ZT6 B 7 8.90 -3.65 0.27
HE2 ZT6 B 7 10.66 -1.93 -0.05
H32 ZT6 B 7 5.68 -6.56 2.78
H32 ZT6 B 7 8.17 -5.59 3.64
H33 ZT6 B 7 4.15 -6.32 1.89
H33 ZT6 B 7 7.29 -4.55 2.50
H31 ZT6 B 7 5.59 -5.42 1.42
H31 ZT6 B 7 8.75 -5.37 1.98
H71 ZT6 B 7 8.11 -5.90 2.43
H71 ZT6 B 7 9.75 -6.90 1.82
H61 ZT6 B 7 7.10 -8.21 -2.27
H61 ZT6 B 7 5.47 -7.21 0.59
H62 ZT6 B 7 6.45 -9.60 -1.44
H62 ZT6 B 7 4.76 -8.66 -0.05
H63 ZT6 B 7 7.98 -9.72 -2.35
H63 ZT6 B 7 5.25 -7.31 -1.13
C2 ZRJ B 8 3.61 -9.97 -8.60
C2 ZRJ B 8 3.46 -10.67 -6.66
OD2 ZRJ B 8 3.51 -9.54 -7.33
CD2 ZRJ B 8 3.59 -8.28 -6.84
CZ ZRJ B 8 3.60 -7.21 -7.70
CD1 ZRJ B 8 3.71 -5.92 -7.18
OD1 ZRJ B 8 3.66 -4.78 -7.93
C1 ZRJ B 8 3.46 -4.96 -9.33
CG1 ZRJ B 8 3.82 -5.70 -5.80
CB ZRJ B 8 3.79 -6.80 -4.95
CG2 ZRJ B 8 3.67 -8.08 -5.48
CA ZRJ B 8 3.88 -6.61 -3.45
N ZRJ B 8 5.27 -6.28 -3.08
C ZRJ B 8 3.31 -7.76 -2.66
O ZRJ B 8 4.00 -8.61 -2.18
OXT ZRJ B 8 2.00 -7.69 -2.62
C11 ZRJ B 8 1.16 -8.69 -1.88
C12 ZRJ B 8 1.46 -8.53 -0.43
C13 ZRJ B 8 -0.22 -8.22 -2.21
C14 ZRJ B 8 1.42 -10.05 -2.45
H25 ZRJ B 8 4.14 -9.35 -9.11
H25 ZRJ B 8 2.81 -10.59 -5.94
H23 ZRJ B 8 2.72 -10.02 -8.99
H23 ZRJ B 8 4.33 -10.86 -6.28
H24 ZRJ B 8 4.02 -10.85 -8.61
H24 ZRJ B 8 3.20 -11.39 -7.26
HZ1 ZRJ B 8 3.53 -7.34 -8.63
H12 ZRJ B 8 3.42 -4.08 -9.76
H13 ZRJ B 8 2.61 -5.41 -9.48
H11 ZRJ B 8 4.17 -5.48 -9.71
HG21 ZRJ B 8 3.69 -8.83 -4.90
HA ZRJ B 8 3.34 -5.83 -3.24
H ZRJ B 8 6.03 -6.76 -3.52
H16 ZRJ B 8 0.70 -8.85 0.10
H14 ZRJ B 8 1.62 -7.59 -0.22
H15 ZRJ B 8 2.25 -9.05 -0.20
H19 ZRJ B 8 -0.32 -7.29 -1.92
H17 ZRJ B 8 -0.87 -8.78 -1.75
H18 ZRJ B 8 -0.36 -8.27 -3.17
H22 ZRJ B 8 1.61 -9.97 -3.40
H20 ZRJ B 8 0.62 -10.60 -2.33
H21 ZRJ B 8 2.17 -10.46 -1.99
O1 BOC C 1 -9.03 -6.79 -6.35
C BOC C 1 -8.60 -7.70 -7.01
O2 BOC C 1 -9.27 -8.33 -8.01
CT BOC C 1 -10.61 -7.88 -8.42
C1 BOC C 1 -10.48 -6.46 -8.98
C2 BOC C 1 -11.59 -8.01 -7.28
C3 BOC C 1 -10.94 -8.86 -9.55
H11 BOC C 1 -10.41 -5.74 -8.16
H12 BOC C 1 -11.34 -6.22 -9.58
H13 BOC C 1 -9.58 -6.38 -9.59
H21 BOC C 1 -11.49 -8.99 -6.83
H22 BOC C 1 -12.60 -7.91 -7.66
H23 BOC C 1 -11.40 -7.25 -6.54
H31 BOC C 1 -10.16 -8.83 -10.30
H32 BOC C 1 -11.88 -8.57 -10.00
H33 BOC C 1 -11.02 -9.85 -9.14
N MLU C 2 -7.39 -8.28 -6.85
CN MLU C 2 -6.95 -9.48 -7.56
CA MLU C 2 -6.50 -7.68 -5.82
C MLU C 2 -6.58 -8.56 -4.56
O MLU C 2 -5.89 -9.57 -4.42
CB MLU C 2 -5.05 -7.58 -6.31
CG MLU C 2 -4.84 -6.78 -7.56
CD1 MLU C 2 -5.36 -5.38 -7.46
CD2 MLU C 2 -3.36 -6.79 -7.94
HCN1 MLU C 2 -6.28 -10.07 -6.93
HCN2 MLU C 2 -6.45 -9.21 -8.47
HCN3 MLU C 2 -7.81 -10.10 -7.79
HA MLU C 2 -6.83 -6.69 -5.56
HB2 MLU C 2 -4.65 -8.58 -6.47
HB3 MLU C 2 -4.47 -7.11 -5.52
HG MLU C 2 -5.38 -7.26 -8.36
HD11 MLU C 2 -6.44 -5.39 -7.51
HD12 MLU C 2 -4.97 -4.78 -8.28
HD13 MLU C 2 -5.06 -4.94 -6.51
HD21 MLU C 2 -3.06 -7.78 -8.27
HD22 MLU C 2 -2.76 -6.51 -7.06
HD23 MLU C 2 -3.17 -6.07 -8.73
N ZTG C 3 -7.46 -8.17 -3.64
CA ZTG C 3 -7.69 -8.94 -2.44
C ZTG C 3 -7.26 -8.23 -1.14
O ZTG C 3 -7.39 -8.83 -0.08
CB ZTG C 3 -9.19 -9.39 -2.31
CG ZTG C 3 -10.09 -8.19 -2.15
CD1 ZTG C 3 -10.40 -7.73 -0.89
CD2 ZTG C 3 -10.54 -7.48 -3.25
CE1 ZTG C 3 -11.09 -6.57 -0.73
CE2 ZTG C 3 -11.22 -6.29 -3.09
CZ ZTG C 3 -11.43 -5.79 -1.83
OH ZTG C 3 -12.01 -4.55 -1.69
OC ZTG C 3 -9.49 -10.14 -3.46
C1 ZTG C 3 -11.62 -11.67 -2.36
C2 ZTG C 3 -12.08 -13.09 -2.02
C3 ZTG C 3 -12.77 -10.81 -2.89
C4 ZTG C 3 -10.65 -11.93 -5.27
C5 ZTG C 3 -10.96 -13.41 -5.53
C6 ZTG C 3 -9.68 -11.38 -6.32
C7 ZTG C 3 -8.80 -12.88 -2.86
C8 ZTG C 3 -7.53 -12.86 -3.72
C9 ZTG C 3 -8.42 -12.64 -1.43
CL ZTG C 3 -11.49 -5.98 0.86
SI ZTG C 3 -10.12 -11.66 -3.46
H ZTG C 3 -7.98 -7.30 -3.77
HA ZTG C 3 -7.10 -9.84 -2.50
HB2 ZTG C 3 -9.29 -10.01 -1.43
HD1 ZTG C 3 -10.07 -8.29 -0.02
HD2 ZTG C 3 -10.23 -7.78 -4.25
HE2 ZTG C 3 -11.45 -5.68 -3.96
H11 ZTG C 3 -11.33 -11.22 -1.42
H22 ZTG C 3 -13.17 -13.14 -2.02
H23 ZTG C 3 -11.72 -13.35 -1.02
H21 ZTG C 3 -11.70 -13.80 -2.75
H33 ZTG C 3 -13.18 -11.29 -3.77
H31 ZTG C 3 -12.40 -9.82 -3.15
H32 ZTG C 3 -13.54 -10.72 -2.13
H41 ZTG C 3 -11.59 -11.39 -5.40
H51 ZTG C 3 -10.16 -14.02 -5.11
H52 ZTG C 3 -11.02 -13.58 -6.60
H53 ZTG C 3 -11.90 -13.66 -5.06
H61 ZTG C 3 -9.51 -10.33 -6.13
H62 ZTG C 3 -10.10 -11.51 -7.31
H63 ZTG C 3 -8.74 -11.92 -6.25
H71 ZTG C 3 -9.22 -13.87 -2.92
H82 ZTG C 3 -7.74 -13.33 -4.67
H83 ZTG C 3 -6.74 -13.41 -3.21
H81 ZTG C 3 -7.20 -11.84 -3.88
H93 ZTG C 3 -7.78 -13.44 -1.08
H91 ZTG C 3 -9.32 -12.61 -0.82
H92 ZTG C 3 -7.88 -11.71 -1.34
N ZTK C 4 -6.77 -6.98 -1.25
CA ZTK C 4 -6.17 -6.33 -0.09
C ZTK C 4 -6.82 -5.03 0.34
O ZTK C 4 -7.09 -4.86 1.53
CB ZTK C 4 -4.68 -6.11 -0.30
CG ZTK C 4 -3.99 -7.36 -0.60
ND2 ZTK C 4 -3.50 -8.35 -0.83
H ZTK C 4 -6.83 -6.47 -2.13
HA ZTK C 4 -6.26 -6.96 0.67
HB2 ZTK C 4 -4.29 -5.71 0.51
HB3 ZTK C 4 -4.54 -5.47 -1.05
N ZT9 C 5 -7.05 -4.07 -0.59
CA ZT9 C 5 -7.59 -2.77 -0.19
C ZT9 C 5 -6.86 -1.62 -0.86
C1 ZT9 C 5 -9.10 -2.64 -0.51
C2 ZT9 C 5 -9.70 -1.41 -0.33
C3 ZT9 C 5 -11.01 -1.23 -0.66
C4 ZT9 C 5 -11.82 -2.30 -1.11
C5 ZT9 C 5 -11.19 -3.53 -1.25
C6 ZT9 C 5 -9.83 -3.72 -0.96
O4 ZT9 C 5 -13.13 -2.15 -1.42
S ZT9 C 5 -6.59 -1.59 -2.49
C7 ZT9 C 5 -13.30 -2.10 -2.99
C7 ZT9 C 5 -13.91 -2.21 -0.12
H ZT9 C 5 -6.84 -4.25 -1.57
HA ZT9 C 5 -7.48 -2.66 0.90
H21 ZT9 C 5 -9.11 -0.56 0.01
H61 ZT9 C 5 -9.36 -4.69 -1.08
H73 ZT9 C 5 -13.07 -1.13 -3.34
H73 ZT9 C 5 -14.64 -2.97 -0.18
H71 ZT9 C 5 -14.30 -2.34 -3.24
H71 ZT9 C 5 -14.38 -1.29 0.04
H72 ZT9 C 5 -12.66 -2.80 -3.44
H72 ZT9 C 5 -13.26 -2.41 0.69
N ZSX C 6 -6.60 -0.62 -0.03
CA ZSX C 6 -6.28 0.71 -0.49
C ZSX C 6 -6.82 1.67 0.61
O ZSX C 6 -7.05 1.23 1.71
C1 ZSX C 6 -4.80 1.02 -0.68
C2 ZSX C 6 -4.38 1.57 -1.90
C3 ZSX C 6 -3.11 2.13 -2.01
C4 ZSX C 6 -2.26 2.11 -0.86
C5 ZSX C 6 -2.67 1.49 0.30
C6 ZSX C 6 -3.93 0.96 0.39
C7 ZSX C 6 -0.30 3.03 0.16
O4 ZSX C 6 -1.08 2.76 -1.05
H ZSX C 6 -6.59 -0.80 0.97
HA ZSX C 6 -6.83 0.89 -1.43
H21 ZSX C 6 -5.08 1.69 -2.71
H51 ZSX C 6 -2.04 1.48 1.17
H61 ZSX C 6 -4.28 0.59 1.35
H72 ZSX C 6 0.51 3.65 -0.09
H73 ZSX C 6 0.06 2.13 0.56
H71 ZSX C 6 -0.91 3.52 0.87
C2 ZT6 C 7 -10.33 9.08 -0.07
C2 ZT6 C 7 -6.35 9.20 -0.58
C4 ZT6 C 7 -7.91 7.81 -2.20
C4 ZT6 C 7 -8.62 7.49 -2.53
C5 ZT6 C 7 -6.82 8.53 -1.39
C5 ZT6 C 7 -7.37 7.23 -3.45
C9 ZT6 C 7 -11.69 5.64 -1.83
C9 ZT6 C 7 -9.32 7.41 1.80
C8 ZT6 C 7 -11.00 7.36 -3.42
C8 ZT6 C 7 -11.00 7.43 0.01
C1 ZT6 C 7 -9.89 7.64 0.26
C1 ZT6 C 7 -6.56 7.76 -0.23
N ZT6 C 7 -6.92 3.00 0.33
CA ZT6 C 7 -6.78 3.59 -0.98
C ZT6 C 7 -5.50 4.41 -1.03
O ZT6 C 7 -4.94 4.77 0.00
CB ZT6 C 7 -8.12 4.33 -1.36
CG ZT6 C 7 -9.20 3.31 -1.22
CD1 ZT6 C 7 -9.36 2.37 -2.23
CD2 ZT6 C 7 -9.90 3.14 -0.03
CE1 ZT6 C 7 -10.20 1.28 -2.05
CE2 ZT6 C 7 -10.72 2.04 0.17
CZ ZT6 C 7 -10.85 1.10 -0.83
C3 ZT6 C 7 -8.77 7.60 1.29
C3 ZT6 C 7 -6.27 7.49 1.24
C7 ZT6 C 7 -10.54 6.25 -2.45
C7 ZT6 C 7 -9.57 7.85 0.42
OH ZT6 C 7 -11.66 0.01 -0.61
ODE ZT6 C 7 -8.31 5.43 -0.51
CL ZT6 C 7 -10.41 0.19 -3.37
SI ZT6 C 7 -9.17 6.78 -1.26
SI ZT6 C 7 -8.25 7.10 -0.69
C6 ZT6 C 7 -7.53 7.16 -3.52
C6 ZT6 C 7 -9.91 6.94 -3.01
H21 ZT6 C 7 -10.07 9.30 -1.14
H21 ZT6 C 7 -7.32 9.76 -0.51
H22 ZT6 C 7 -9.80 9.78 0.59
H22 ZT6 C 7 -5.97 9.28 -1.63
H23 ZT6 C 7 -11.43 9.17 0.08
H23 ZT6 C 7 -5.61 9.66 0.11
H41 ZT6 C 7 -8.53 8.65 -2.54
H41 ZT6 C 7 -8.76 8.57 -2.56
H53 ZT6 C 7 -6.33 7.80 -0.70
H53 ZT6 C 7 -6.77 6.39 -3.03
H51 ZT6 C 7 -7.28 9.35 -0.80
H51 ZT6 C 7 -6.73 8.15 -3.47
H52 ZT6 C 7 -6.10 8.94 -2.05
H52 ZT6 C 7 -7.68 6.99 -4.43
H92 ZT6 C 7 -11.57 4.57 -1.82
H92 ZT6 C 7 -10.22 7.40 2.35
H93 ZT6 C 7 -12.59 5.90 -2.41
H93 ZT6 C 7 -8.63 8.12 2.27
H91 ZT6 C 7 -11.79 6.00 -0.81
H91 ZT6 C 7 -8.89 6.41 1.80
H83 ZT6 C 7 -11.69 6.94 -4.17
H83 ZT6 C 7 -11.70 7.56 0.85
H81 ZT6 C 7 -10.11 7.81 -3.94
H81 ZT6 C 7 -11.01 6.35 -0.32
H82 ZT6 C 7 -11.52 8.17 -2.86
H82 ZT6 C 7 -11.35 8.07 -0.84
H11 ZT6 C 7 -10.74 7.07 0.63
H11 ZT6 C 7 -5.83 7.20 -0.80
H ZT6 C 7 -7.09 3.62 1.10
HA ZT6 C 7 -6.68 2.83 -1.71
HB2 ZT6 C 7 -8.06 4.65 -2.40
HD1 ZT6 C 7 -8.81 2.47 -3.17
HD2 ZT6 C 7 -9.70 3.82 0.82
HE2 ZT6 C 7 -11.23 1.89 1.11
H32 ZT6 C 7 -8.93 6.75 1.97
H32 ZT6 C 7 -6.66 8.33 1.85
H33 ZT6 C 7 -8.77 8.53 1.87
H33 ZT6 C 7 -5.20 7.44 1.38
H31 ZT6 C 7 -7.81 7.50 0.81
H31 ZT6 C 7 -6.72 6.56 1.55
H71 ZT6 C 7 -10.11 5.49 -3.07
H71 ZT6 C 7 -9.50 8.93 0.38
H61 ZT6 C 7 -8.39 6.82 -4.01
H61 ZT6 C 7 -10.16 6.09 -2.46
H62 ZT6 C 7 -6.85 6.31 -3.33
H62 ZT6 C 7 -9.83 6.66 -4.06
H63 ZT6 C 7 -7.00 7.89 -4.15
H63 ZT6 C 7 -10.69 7.69 -2.90
C2 ZRJ C 8 -1.91 5.71 -7.23
OD2 ZRJ C 8 -1.74 4.38 -6.92
CD2 ZRJ C 8 -2.05 3.96 -5.69
CZ ZRJ C 8 -1.71 2.65 -5.45
CD1 ZRJ C 8 -2.06 2.09 -4.24
OD1 ZRJ C 8 -1.76 0.81 -3.91
C1 ZRJ C 8 -1.02 0.03 -4.87
CG1 ZRJ C 8 -2.70 2.81 -3.25
CB ZRJ C 8 -2.97 4.16 -3.50
CG2 ZRJ C 8 -2.66 4.72 -4.72
CA ZRJ C 8 -3.60 4.98 -2.41
N ZRJ C 8 -5.01 4.64 -2.27
C ZRJ C 8 -3.42 6.47 -2.61
O ZRJ C 8 -4.23 7.21 -3.03
OXT ZRJ C 8 -2.16 6.79 -2.31
C11 ZRJ C 8 -1.69 8.18 -2.42
C12 ZRJ C 8 -2.50 9.03 -1.46
C13 ZRJ C 8 -0.27 8.09 -2.00
C14 ZRJ C 8 -1.83 8.68 -3.85
H25 ZRJ C 8 -1.42 6.26 -6.58
H23 ZRJ C 8 -2.85 5.94 -7.18
H24 ZRJ C 8 -1.58 5.88 -8.12
HZ1 ZRJ C 8 -1.33 2.12 -6.13
H12 ZRJ C 8 -0.87 -0.86 -4.51
H13 ZRJ C 8 -0.17 0.45 -5.04
H11 ZRJ C 8 -1.53 -0.02 -5.70
HG21 ZRJ C 8 -2.88 5.62 -4.90
HA ZRJ C 8 -3.16 4.75 -1.57
H ZRJ C 8 -5.58 4.54 -3.09
H16 ZRJ C 8 -1.98 9.81 -1.19
H14 ZRJ C 8 -2.72 8.51 -0.67
H15 ZRJ C 8 -3.32 9.32 -1.88
H19 ZRJ C 8 -0.22 7.74 -1.10
H17 ZRJ C 8 0.14 8.97 -2.02
H18 ZRJ C 8 0.21 7.50 -2.61
H22 ZRJ C 8 -1.68 7.94 -4.47
H20 ZRJ C 8 -1.17 9.38 -4.02
H21 ZRJ C 8 -2.72 9.05 -3.99
O1 BOC D 1 -13.00 5.47 9.21
C BOC D 1 -13.01 6.40 9.95
O2 BOC D 1 -14.13 6.94 10.47
CT BOC D 1 -15.41 6.25 10.37
C1 BOC D 1 -15.37 4.92 10.99
C2 BOC D 1 -15.91 6.33 8.94
C3 BOC D 1 -16.33 7.09 11.23
H11 BOC D 1 -14.66 4.29 10.48
H12 BOC D 1 -16.35 4.48 10.91
H13 BOC D 1 -15.08 5.01 12.03
H21 BOC D 1 -16.04 7.37 8.68
H22 BOC D 1 -16.86 5.82 8.87
H23 BOC D 1 -15.19 5.88 8.26
H31 BOC D 1 -15.93 7.14 12.25
H32 BOC D 1 -17.32 6.66 11.25
H33 BOC D 1 -16.38 8.10 10.84
N MLU D 2 -11.93 7.08 10.34
CN MLU D 2 -12.06 8.23 11.22
CA MLU D 2 -10.62 6.69 9.84
C MLU D 2 -10.26 7.64 8.72
O MLU D 2 -9.82 8.75 9.01
CB MLU D 2 -9.52 6.67 10.89
CG MLU D 2 -9.79 5.76 12.10
CD1 MLU D 2 -10.18 4.40 11.68
CD2 MLU D 2 -8.54 5.65 12.92
HCN1 MLU D 2 -11.12 8.73 11.34
HCN2 MLU D 2 -12.42 7.90 12.19
HCN3 MLU D 2 -12.78 8.94 10.80
HA MLU D 2 -10.68 5.69 9.42
HB2 MLU D 2 -9.34 7.68 11.26
HB3 MLU D 2 -8.62 6.31 10.41
HG MLU D 2 -10.58 6.19 12.70
HD11 MLU D 2 -11.21 4.40 11.35
HD12 MLU D 2 -10.08 3.71 12.51
HD13 MLU D 2 -9.54 4.08 10.86
HD21 MLU D 2 -8.32 6.62 13.36
HD22 MLU D 2 -7.72 5.34 12.28
HD23 MLU D 2 -8.67 4.92 13.71
N ZTG D 3 -10.60 7.26 7.49
CA ZTG D 3 -10.44 8.08 6.33
C ZTG D 3 -9.39 7.62 5.30
O ZTG D 3 -9.18 8.31 4.33
CB ZTG D 3 -11.82 8.31 5.61
CG ZTG D 3 -12.39 7.04 5.08
CD1 ZTG D 3 -12.20 6.68 3.76
CD2 ZTG D 3 -13.09 6.15 5.91
CE1 ZTG D 3 -12.63 5.44 3.33
CE2 ZTG D 3 -13.46 4.92 5.49
CZ ZTG D 3 -13.18 4.55 4.17
OH ZTG D 3 -13.49 3.25 3.78
OC ZTG D 3 -12.69 8.95 6.53
C1 ZTG D 3 -14.38 9.94 4.48
C2 ZTG D 3 -14.93 11.22 3.84
C3 ZTG D 3 -15.42 8.85 4.46
C4 ZTG D 3 -14.87 10.34 7.55
C5 ZTG D 3 -15.68 11.65 7.53
C6 ZTG D 3 -14.40 10.01 8.87
C7 ZTG D 3 -12.47 11.75 6.11
C8 ZTG D 3 -11.83 12.03 7.44
C9 ZTG D 3 -11.43 11.73 5.01
CL ZTG D 3 -12.40 4.97 1.66
SI ZTG D 3 -13.58 10.28 6.18
H ZTG D 3 -10.97 6.33 7.37
HA ZTG D 3 -10.12 9.06 6.66
HB2 ZTG D 3 -11.65 8.97 4.77
HD1 ZTG D 3 -11.72 7.36 3.09
HD2 ZTG D 3 -13.15 6.38 6.97
HE2 ZTG D 3 -13.88 4.20 6.19
H11 ZTG D 3 -13.58 9.61 3.82
H22 ZTG D 3 -15.88 11.47 4.31
H23 ZTG D 3 -15.10 11.04 2.78
H21 ZTG D 3 -14.24 12.04 3.95
H33 ZTG D 3 -16.04 8.95 3.59
H31 ZTG D 3 -16.05 8.91 5.36
H32 ZTG D 3 -14.93 7.87 4.45
H41 ZTG D 3 -15.58 9.56 7.32
H51 ZTG D 3 -15.83 11.99 6.52
H52 ZTG D 3 -15.14 12.41 8.09
H53 ZTG D 3 -16.65 11.48 8.00
H61 ZTG D 3 -13.96 9.02 8.85
H62 ZTG D 3 -15.24 10.02 9.56
H63 ZTG D 3 -13.66 10.75 9.19
H71 ZTG D 3 -13.11 12.60 5.90
H82 ZTG D 3 -12.56 12.48 8.12
H83 ZTG D 3 -11.00 12.72 7.32
H81 ZTG D 3 -11.45 11.11 7.88
H93 ZTG D 3 -10.88 12.66 4.99
H91 ZTG D 3 -11.92 11.57 4.04
H92 ZTG D 3 -10.74 10.91 5.19
N ZTK D 4 -8.85 6.40 5.51
CA ZTK D 4 -7.82 5.95 4.57
C ZTK D 4 -8.12 4.58 3.96
O ZTK D 4 -7.95 4.42 2.76
CB ZTK D 4 -6.43 5.89 5.25
CG ZTK D 4 -6.00 7.22 5.58
ND2 ZTK D 4 -5.66 8.29 5.86
H ZTK D 4 -9.13 5.82 6.28
HA ZTK D 4 -7.75 6.61 3.83
HB2 ZTK D 4 -5.79 5.48 4.65
HB3 ZTK D 4 -6.49 5.35 6.07
N ZT9 D 5 -8.48 3.58 4.78
CA ZT9 D 5 -8.63 2.23 4.26
C ZT9 D 5 -7.98 1.20 5.14
C1 ZT9 D 5 -10.09 1.81 4.02
C2 ZT9 D 5 -10.41 0.48 3.77
C3 ZT9 D 5 -11.71 0.10 3.53
C4 ZT9 D 5 -12.73 1.04 3.52
C5 ZT9 D 5 -12.42 2.35 3.80
C6 ZT9 D 5 -11.10 2.75 4.07
O4 ZT9 D 5 -14.03 0.68 3.26
S ZT9 D 5 -8.19 1.15 6.78
C7 ZT9 D 5 -14.27 0.95 1.74
C7 ZT9 D 5 -14.81 0.57 4.69
H ZT9 D 5 -8.63 3.75 5.77
HA ZT9 D 5 -8.14 2.19 3.29
H21 ZT9 D 5 -9.63 -0.26 3.72
H61 ZT9 D 5 -10.86 3.79 4.26
H73 ZT9 D 5 -14.27 2.00 1.57
H73 ZT9 D 5 -14.80 -0.44 5.01
H71 ZT9 D 5 -15.20 0.54 1.45
H71 ZT9 D 5 -15.81 0.90 4.56
H72 ZT9 D 5 -13.49 0.51 1.17
H72 ZT9 D 5 -14.32 1.16 5.41
N ZSX D 6 -7.30 0.28 4.45
CA ZSX D 6 -6.89 -1.00 5.02
C ZSX D 6 -6.92 -1.99 3.85
O ZSX D 6 -6.88 -1.58 2.70
C1 ZSX D 6 -5.52 -1.03 5.64
C2 ZSX D 6 -5.34 -1.56 6.92
C3 ZSX D 6 -4.10 -1.82 7.45
C4 ZSX D 6 -2.97 -1.48 6.70
C5 ZSX D 6 -3.11 -0.93 5.44
C6 ZSX D 6 -4.37 -0.73 4.91
C7 ZSX D 6 -0.58 -1.46 6.51
O4 ZSX D 6 -1.77 -1.76 7.26
H ZSX D 6 -7.04 0.49 3.49
HA ZSX D 6 -7.65 -1.30 5.75
H21 ZSX D 6 -6.22 -1.88 7.47
H51 ZSX D 6 -2.25 -0.68 4.83
H61 ZSX D 6 -4.47 -0.34 3.90
H72 ZSX D 6 -0.58 -2.01 5.60
H73 ZSX D 6 0.27 -1.72 7.08
H71 ZSX D 6 -0.54 -0.41 6.30
C2 ZT6 D 7 -9.30 -9.42 6.64
C4 ZT6 D 7 -9.62 -7.97 3.45
C5 ZT6 D 7 -9.48 -9.44 2.86
C9 ZT6 D 7 -5.64 -7.68 3.39
C8 ZT6 D 7 -6.19 -9.68 4.80
C1 ZT6 D 7 -8.74 -8.00 6.47
N ZT6 D 7 -6.96 -3.31 4.11
CA ZT6 D 7 -7.09 -3.93 5.42
C ZT6 D 7 -5.76 -4.52 5.82
O ZT6 D 7 -4.88 -4.76 5.00
CB ZT6 D 7 -8.32 -4.90 5.38
CG ZT6 D 7 -9.49 -4.08 4.88
CD1 ZT6 D 7 -10.13 -3.22 5.73
CD2 ZT6 D 7 -9.78 -4.04 3.51
CE1 ZT6 D 7 -11.04 -2.30 5.26
CE2 ZT6 D 7 -10.66 -3.09 3.03
CZ ZT6 D 7 -11.27 -2.19 3.88
C3 ZT6 D 7 -7.75 -7.76 7.57
C7 ZT6 D 7 -6.34 -8.20 4.53
OH ZT6 D 7 -12.10 -1.21 3.36
ODE ZT6 D 7 -8.00 -5.98 4.55
CL ZT6 D 7 -11.86 -1.28 6.38
SI ZT6 D 7 -8.20 -7.60 4.71
C6 ZT6 D 7 -10.97 -7.49 4.03
H21 ZT6 D 7 -10.07 -9.63 5.84
H22 ZT6 D 7 -9.78 -9.52 7.63
H23 ZT6 D 7 -8.46 -10.16 6.55
H41 ZT6 D 7 -9.43 -7.30 2.61
H53 ZT6 D 7 -9.43 -10.18 3.69
H51 ZT6 D 7 -8.56 -9.49 2.25
H52 ZT6 D 7 -10.32 -9.65 2.23
H92 ZT6 D 7 -5.87 -8.28 2.53
H93 ZT6 D 7 -4.56 -7.71 3.58
H91 ZT6 D 7 -5.94 -6.65 3.20
H83 ZT6 D 7 -5.21 -10.03 4.43
H81 ZT6 D 7 -7.01 -10.25 4.27
H82 ZT6 D 7 -6.27 -9.87 5.89
H11 ZT6 D 7 -9.58 -7.34 6.68
H ZT6 D 7 -6.88 -3.94 3.31
HA ZT6 D 7 -7.34 -3.19 6.14
HB2 ZT6 D 7 -8.54 -5.25 6.39
HD1 ZT6 D 7 -9.89 -3.25 6.80
HD2 ZT6 D 7 -9.19 -4.63 2.80
HE2 ZT6 D 7 -10.82 -3.00 1.96
H32 ZT6 D 7 -7.10 -8.63 7.69
H33 ZT6 D 7 -8.29 -7.58 8.51
H31 ZT6 D 7 -7.15 -6.89 7.34
H71 ZT6 D 7 -5.83 -7.75 5.37
H61 ZT6 D 7 -10.90 -6.50 4.31
H62 ZT6 D 7 -11.24 -8.09 4.91
H63 ZT6 D 7 -11.75 -7.60 3.27
C2 ZRJ D 8 -4.04 -5.59 12.74
OD2 ZRJ D 8 -3.87 -4.20 12.57
CD2 ZRJ D 8 -3.91 -3.69 11.31
CZ ZRJ D 8 -3.86 -2.31 11.19
CD1 ZRJ D 8 -3.91 -1.70 9.95
OD1 ZRJ D 8 -3.85 -0.37 9.76
C1 ZRJ D 8 -3.80 0.45 10.91
CG1 ZRJ D 8 -4.00 -2.49 8.79
CB ZRJ D 8 -4.06 -3.86 8.90
CG2 ZRJ D 8 -4.00 -4.46 10.16
CA ZRJ D 8 -4.18 -4.71 7.64
N ZRJ D 8 -5.55 -4.63 7.14
C ZRJ D 8 -3.76 -6.16 7.83
O ZRJ D 8 -4.49 -7.05 8.14
OXT ZRJ D 8 -2.45 -6.28 7.67
C11 ZRJ D 8 -1.76 -7.58 7.82
C12 ZRJ D 8 -2.32 -8.52 6.79
C13 ZRJ D 8 -0.33 -7.22 7.55
C14 ZRJ D 8 -1.91 -8.07 9.22
H25 ZRJ D 8 -3.35 -6.06 12.26
H23 ZRJ D 8 -4.91 -5.85 12.40
H24 ZRJ D 8 -4.00 -5.82 13.68
HZ1 ZRJ D 8 -3.79 -1.77 11.98
H12 ZRJ D 8 -3.73 1.38 10.63
H13 ZRJ D 8 -3.03 0.21 11.45
H11 ZRJ D 8 -4.61 0.33 11.43
HG21 ZRJ D 8 -4.05 -5.40 10.24
HA ZRJ D 8 -3.60 -4.33 6.97
H ZRJ D 8 -6.33 -4.66 7.79
H16 ZRJ D 8 -1.64 -9.17 6.54
H14 ZRJ D 8 -2.60 -8.03 6.00
H15 ZRJ D 8 -3.09 -9.00 7.16
H19 ZRJ D 8 -0.25 -6.86 6.65
H17 ZRJ D 8 0.22 -8.02 7.61
H18 ZRJ D 8 -0.04 -6.56 8.20
H22 ZRJ D 8 -1.80 -7.33 9.84
H20 ZRJ D 8 -1.22 -8.74 9.40
H21 ZRJ D 8 -2.78 -8.48 9.34
C MOH E . 2.80 1.81 1.58
O MOH E . 2.18 1.69 2.79
H1 MOH E . 2.87 2.75 1.35
H2 MOH E . 2.30 1.34 0.91
H3 MOH E . 3.69 1.42 1.64
HO MOH E . 2.18 2.44 3.17
C MOH F . 2.42 0.22 5.70
O MOH F . 3.48 0.86 5.04
H1 MOH F . 2.54 -0.73 5.64
H2 MOH F . 1.59 0.48 5.28
H3 MOH F . 2.42 0.50 6.63
HO MOH F . 3.38 0.74 4.21
C MOH G . 9.01 1.84 5.43
O MOH G . 8.08 1.01 6.10
H1 MOH G . 9.33 2.52 6.05
H2 MOH G . 8.57 2.26 4.67
H3 MOH G . 9.76 1.30 5.12
HO MOH G . 8.33 0.91 6.90
C MOH H . -2.21 6.48 1.27
O MOH H . -2.27 6.04 2.64
H1 MOH H . -1.83 7.37 1.23
H2 MOH H . -3.10 6.49 0.90
H3 MOH H . -1.66 5.87 0.76
HO MOH H . -1.88 6.60 3.14
C MOH I . 3.95 -6.38 6.87
O MOH I . 5.16 -6.97 6.42
H1 MOH I . 3.33 -7.07 7.14
H2 MOH I . 3.56 -5.85 6.16
H3 MOH I . 4.14 -5.80 7.64
HO MOH I . 5.00 -7.73 6.07
C MOH J . 2.25 8.59 5.51
O MOH J . 1.53 7.45 5.74
H1 MOH J . 2.54 8.97 6.35
H2 MOH J . 1.69 9.23 5.04
H3 MOH J . 3.02 8.37 4.96
HO MOH J . 1.89 7.00 6.36
C MOH K . 6.01 8.51 1.07
O MOH K . 6.77 7.40 0.47
H1 MOH K . 5.34 8.16 1.69
H2 MOH K . 5.57 9.02 0.37
H3 MOH K . 6.62 9.10 1.55
HO MOH K . 6.63 6.69 0.93
C MOH L . 10.77 7.87 1.35
O MOH L . 9.50 8.30 0.81
H1 MOH L . 11.27 7.40 0.67
H2 MOH L . 10.62 7.30 2.11
H3 MOH L . 11.27 8.66 1.64
HO MOH L . 9.35 7.87 0.09
C MOH M . 5.06 2.15 -5.41
O MOH M . 4.98 3.66 -5.77
H1 MOH M . 4.99 1.61 -6.22
H2 MOH M . 4.33 1.92 -4.81
H3 MOH M . 5.91 1.97 -4.98
HO MOH M . 4.40 3.77 -6.38
C MOH N . 11.33 -7.54 -3.61
O MOH N . 9.95 -7.83 -3.79
H1 MOH N . 11.44 -6.89 -2.90
H2 MOH N . 11.69 -7.19 -4.44
H3 MOH N . 11.79 -8.36 -3.36
HO MOH N . 9.64 -8.17 -3.08
C MOH O . 10.29 -11.22 -3.74
O MOH O . 9.79 -10.28 -4.65
H1 MOH O . 10.72 -11.94 -4.24
H2 MOH O . 9.56 -11.59 -3.23
H3 MOH O . 10.93 -10.80 -3.15
HO MOH O . 10.43 -9.84 -4.98
C MOH P . 7.11 -7.86 -5.52
O MOH P . 7.56 -6.79 -4.81
H1 MOH P . 6.69 -7.55 -6.33
H2 MOH P . 6.47 -8.35 -4.99
H3 MOH P . 7.86 -8.44 -5.74
HO MOH P . 7.90 -6.22 -5.34
C MOH Q . 11.49 10.45 -9.78
O MOH Q . 12.05 9.57 -10.69
H1 MOH Q . 11.49 10.05 -8.89
H2 MOH Q . 10.57 10.64 -10.04
H3 MOH Q . 11.99 11.28 -9.77
HO MOH Q . 12.64 9.11 -10.28
C MOH R . 11.91 -1.67 -8.12
O MOH R . 11.43 -0.85 -9.13
H1 MOH R . 12.12 -2.54 -8.48
H2 MOH R . 11.25 -1.75 -7.42
H3 MOH R . 12.72 -1.28 -7.75
HO MOH R . 12.06 -0.62 -9.64
C MOH S . 5.77 -10.36 -10.02
O MOH S . 6.16 -9.10 -9.58
H1 MOH S . 6.43 -10.69 -10.65
H2 MOH S . 4.91 -10.31 -10.47
H3 MOH S . 5.72 -10.97 -9.27
HO MOH S . 6.48 -8.67 -10.24
C MOH T . 7.69 -11.35 -5.97
O MOH T . 7.22 -10.72 -7.14
H1 MOH T . 7.28 -12.23 -5.88
H2 MOH T . 7.47 -10.81 -5.19
H3 MOH T . 8.65 -11.46 -6.02
HO MOH T . 7.63 -11.05 -7.81
C MOH U . 9.35 7.31 -11.36
O MOH U . 10.60 7.34 -10.65
H1 MOH U . 9.34 8.00 -12.05
H2 MOH U . 8.62 7.47 -10.74
H3 MOH U . 9.23 6.44 -11.78
HO MOH U . 11.08 7.96 -10.97
C MOH V . 3.65 2.56 -9.93
O MOH V . 4.70 1.57 -9.88
H1 MOH V . 3.09 2.47 -9.13
H2 MOH V . 3.11 2.41 -10.71
H3 MOH V . 4.04 3.45 -9.95
HO MOH V . 4.85 1.34 -9.07
C MOH W . 2.62 -1.81 0.16
O MOH W . 3.81 -1.49 -0.36
H1 MOH W . 2.10 -2.32 -0.48
H2 MOH W . 2.15 -1.00 0.40
H3 MOH W . 2.74 -2.35 0.96
HO MOH W . 4.20 -2.21 -0.62
C MOH X . 4.68 -1.28 -7.91
O MOH X . 4.18 -1.01 -9.16
H1 MOH X . 4.61 -2.24 -7.74
H2 MOH X . 4.15 -0.81 -7.25
H3 MOH X . 5.61 -1.01 -7.86
HO MOH X . 4.54 -1.53 -9.72
C MOH Y . 4.75 7.74 -13.61
O MOH Y . 4.56 6.43 -13.21
H1 MOH Y . 4.30 8.33 -13.00
H2 MOH Y . 4.39 7.86 -14.50
H3 MOH Y . 5.70 7.94 -13.62
HO MOH Y . 4.75 6.37 -12.39
C MOH Z . -0.31 -4.40 -1.12
O MOH Z . 1.02 -4.56 -1.58
H1 MOH Z . -0.56 -5.19 -0.59
H2 MOH Z . -0.91 -4.33 -1.89
H3 MOH Z . -0.37 -3.61 -0.58
HO MOH Z . 1.15 -5.38 -1.80
C MOH AA . -2.78 -1.83 -1.79
O MOH AA . -1.94 -2.61 -2.52
H1 MOH AA . -3.39 -2.39 -1.29
H2 MOH AA . -3.28 -1.25 -2.39
H3 MOH AA . -2.26 -1.28 -1.17
HO MOH AA . -2.35 -2.90 -3.21
C MOH BA . -2.61 -5.73 -3.62
O MOH BA . -3.44 -4.61 -3.85
H1 MOH BA . -1.81 -5.66 -4.15
H2 MOH BA . -3.08 -6.55 -3.87
H3 MOH BA . -2.38 -5.78 -2.68
HO MOH BA . -3.56 -4.52 -4.69
C MOH CA . -9.12 -3.55 -4.71
O MOH CA . -8.39 -4.74 -4.67
H1 MOH CA . -9.88 -3.60 -4.10
H2 MOH CA . -9.45 -3.40 -5.61
H3 MOH CA . -8.56 -2.80 -4.45
HO MOH CA . -8.19 -4.92 -3.86
C MOH DA . -10.41 3.75 -5.29
O MOH DA . -9.18 4.38 -5.17
H1 MOH DA . -10.62 3.62 -6.22
H2 MOH DA . -11.10 4.30 -4.88
H3 MOH DA . -10.38 2.89 -4.84
HO MOH DA . -9.12 4.99 -5.77
C MOH EA . 0.61 -0.01 -1.67
O MOH EA . 0.63 -1.31 -1.85
H1 MOH EA . 0.49 0.19 -0.73
H2 MOH EA . -0.12 0.37 -2.18
H3 MOH EA . 1.44 0.37 -1.99
HO MOH EA . 0.00 -1.66 -1.40
C MOH FA . -9.08 7.43 -7.38
O MOH FA . -9.76 6.58 -6.63
H1 MOH FA . -8.86 8.22 -6.86
H2 MOH FA . -9.60 7.68 -8.16
H3 MOH FA . -8.25 7.01 -7.67
HO MOH FA . -10.45 6.97 -6.32
C MOH GA . 1.66 -1.74 -8.26
O MOH GA . 0.98 -0.78 -7.51
H1 MOH GA . 2.08 -1.32 -9.03
H2 MOH GA . 1.02 -2.41 -8.58
H3 MOH GA . 2.33 -2.17 -7.71
HO MOH GA . 1.46 -0.08 -7.44
C MOH HA . -10.08 -17.18 -4.66
O MOH HA . -9.17 -16.41 -5.37
H1 MOH HA . -10.13 -18.07 -5.06
H2 MOH HA . -10.97 -16.77 -4.71
H3 MOH HA . -9.81 -17.25 -3.73
HO MOH HA . -8.41 -16.77 -5.33
C MOH IA . -13.13 6.23 -7.04
O MOH IA . -12.43 7.33 -6.69
H1 MOH IA . -12.94 6.01 -7.98
H2 MOH IA . -14.08 6.41 -6.94
H3 MOH IA . -12.87 5.49 -6.48
HO MOH IA . -12.43 7.90 -7.33
C MOH JA . -2.90 -10.42 -3.80
O MOH JA . -3.74 -11.15 -4.60
H1 MOH JA . -2.90 -10.78 -2.89
H2 MOH JA . -3.18 -9.50 -3.77
H3 MOH JA . -1.99 -10.47 -4.15
HO MOH JA . -4.46 -11.31 -4.17
C MOH KA . -12.51 -16.58 -1.16
O MOH KA . -11.89 -17.78 -0.82
H1 MOH KA . -12.93 -16.19 -0.37
H2 MOH KA . -13.19 -16.75 -1.84
H3 MOH KA . -11.85 -15.96 -1.52
HO MOH KA . -11.63 -17.74 -0.02
C MOH LA . -14.61 9.73 -7.72
O MOH LA . -13.22 9.76 -7.59
H1 MOH LA . -14.85 9.29 -8.55
H2 MOH LA . -14.95 10.64 -7.73
H3 MOH LA . -14.99 9.23 -6.97
HO MOH LA . -12.91 10.38 -8.08
C MOH MA . 0.35 -1.77 2.34
O MOH MA . -0.71 -1.31 2.79
H1 MOH MA . 1.06 -1.10 2.43
H2 MOH MA . 0.24 -2.01 1.41
H3 MOH MA . 0.59 -2.57 2.85
HO MOH MA . -0.86 -0.55 2.44
C MOH NA . -3.28 2.91 6.76
O MOH NA . -4.41 2.16 7.14
H1 MOH NA . -3.29 3.76 7.23
H2 MOH NA . -3.29 3.07 5.81
H3 MOH NA . -2.48 2.43 7.00
HO MOH NA . -4.46 2.11 7.99
C MOH OA . -11.72 -5.38 7.99
O MOH OA . -10.32 -5.47 8.52
H1 MOH OA . -11.72 -5.51 7.04
H2 MOH OA . -12.09 -4.51 8.21
H3 MOH OA . -12.26 -6.07 8.40
HO MOH OA . -10.21 -6.21 8.91
C MOH PA . -2.39 -5.63 4.39
C MOH PA . -1.31 -4.96 3.35
O MOH PA . -1.35 -4.65 4.74
H1 MOH PA . -2.27 -5.92 3.47
H1 MOH PA . -1.19 -4.13 2.83
H2 MOH PA . -3.26 -5.23 4.50
H2 MOH PA . -2.13 -5.39 3.08
H3 MOH PA . -2.32 -6.39 4.98
H3 MOH PA . -0.56 -5.55 3.16
HO MOH PA . -1.71 -3.89 4.85
C MOH QA . -11.78 2.30 7.87
O MOH QA . -11.31 3.59 8.11
H1 MOH QA . -11.64 2.07 6.94
H2 MOH QA . -12.72 2.26 8.08
H3 MOH QA . -11.29 1.67 8.43
HO MOH QA . -10.57 3.71 7.71
C MOH RA . -7.57 -4.57 10.13
O MOH RA . -7.91 -4.09 8.82
H1 MOH RA . -7.43 -5.53 10.11
H2 MOH RA . -8.30 -4.37 10.74
H3 MOH RA . -6.76 -4.14 10.43
HO MOH RA . -8.69 -4.35 8.62
C MOH SA . -6.39 3.27 10.11
O MOH SA . -6.71 4.36 9.31
H1 MOH SA . -6.31 2.47 9.54
H2 MOH SA . -7.07 3.12 10.77
H3 MOH SA . -5.54 3.42 10.55
HO MOH SA . -6.25 4.34 8.61
C MOH TA . -2.61 6.15 6.17
O MOH TA . -3.77 5.53 6.66
H1 MOH TA . -2.22 6.70 6.86
H2 MOH TA . -2.84 6.70 5.41
H3 MOH TA . -1.97 5.47 5.90
HO MOH TA . -4.08 5.99 7.31
C MOH UA . -3.73 -4.43 2.46
C MOH UA . -2.60 -2.91 1.68
O MOH UA . -3.94 -3.04 1.92
H1 MOH UA . -3.06 -4.89 1.91
H1 MOH UA . -2.40 -2.01 1.41
H2 MOH UA . -4.57 -4.92 2.44
H2 MOH UA . -2.34 -3.52 0.96
H3 MOH UA . -3.41 -4.35 3.36
H3 MOH UA . -2.11 -3.14 2.48
HO MOH UA . -4.36 -3.09 1.17
C MOH VA . -4.55 3.21 3.29
C MOH VA . -4.02 4.07 4.00
O MOH VA . -4.54 4.53 2.75
H1 MOH VA . -3.63 2.93 3.49
H1 MOH VA . -3.35 3.39 3.83
H2 MOH VA . -4.93 2.59 2.65
H2 MOH VA . -4.74 3.70 4.53
H3 MOH VA . -5.07 3.20 4.10
H3 MOH VA . -3.61 4.80 4.47
HO MOH VA . -5.31 4.87 2.83
C MOH WA . -5.69 7.74 9.15
O MOH WA . -5.31 6.39 9.32
H1 MOH WA . -6.24 8.02 9.91
H2 MOH WA . -6.21 7.83 8.33
H3 MOH WA . -4.90 8.30 9.10
HO MOH WA . -5.14 6.24 10.13
#